data_2AE1
#
_entry.id   2AE1
#
_cell.length_a   62.800
_cell.length_b   62.800
_cell.length_c   128.400
_cell.angle_alpha   90.00
_cell.angle_beta   90.00
_cell.angle_gamma   90.00
#
_symmetry.space_group_name_H-M   'P 42 21 2'
#
loop_
_entity.id
_entity.type
_entity.pdbx_description
1 polymer 'TROPINONE REDUCTASE-II'
2 water water
#
_entity_poly.entity_id   1
_entity_poly.type   'polypeptide(L)'
_entity_poly.pdbx_seq_one_letter_code
;MAGRWNLEGCTALVTGGSRGIGYGIVEELASLGASVYTCSRNQKELNDCLTQWRSKGFKVEASVCDLSSRSERQELMNTV
ANHFHGKLNILVNNAGIVIYKEAKDYTVEDYSLIMSINFEAAYHLSVLAHPFLKASERGNVVFISSVSGALAVPYEAVYG
ATKGAMDQLTRCLAFEWAKDNIRVNGVGPGVIATSLVEMTIQDPEQKENLNKLIDRCALRRMGEPKELAAMVAFLCFPAA
SYVTGQIIYVDGGLMANCGF
;
_entity_poly.pdbx_strand_id   A
#
# COMPACT_ATOMS: atom_id res chain seq x y z
N ALA A 2 16.17 12.00 -7.66
CA ALA A 2 14.92 12.81 -7.67
C ALA A 2 15.15 14.21 -7.11
N GLY A 3 14.27 15.13 -7.48
CA GLY A 3 14.38 16.49 -6.97
C GLY A 3 13.92 16.48 -5.52
N ARG A 4 14.15 17.56 -4.78
CA ARG A 4 13.74 17.62 -3.37
C ARG A 4 12.27 17.27 -3.15
N TRP A 5 11.39 17.88 -3.95
CA TRP A 5 9.95 17.64 -3.83
C TRP A 5 9.34 16.82 -4.97
N ASN A 6 10.12 15.93 -5.57
CA ASN A 6 9.59 15.08 -6.65
C ASN A 6 10.26 13.72 -6.71
N LEU A 7 9.74 12.88 -7.59
CA LEU A 7 10.23 11.51 -7.75
C LEU A 7 10.83 11.28 -9.12
N GLU A 8 11.42 12.33 -9.70
CA GLU A 8 12.03 12.26 -11.04
C GLU A 8 13.18 11.26 -11.13
N GLY A 9 12.99 10.23 -11.95
CA GLY A 9 14.00 9.21 -12.14
C GLY A 9 13.89 8.03 -11.18
N CYS A 10 12.87 8.07 -10.31
CA CYS A 10 12.66 7.02 -9.33
C CYS A 10 11.75 5.94 -9.88
N THR A 11 12.21 4.69 -9.77
CA THR A 11 11.45 3.54 -10.23
C THR A 11 10.65 3.01 -9.05
N ALA A 12 9.38 2.71 -9.26
CA ALA A 12 8.53 2.22 -8.17
C ALA A 12 7.63 1.07 -8.55
N LEU A 13 7.37 0.22 -7.56
CA LEU A 13 6.47 -0.90 -7.74
C LEU A 13 5.35 -0.69 -6.74
N VAL A 14 4.13 -0.73 -7.24
CA VAL A 14 2.97 -0.56 -6.40
C VAL A 14 2.17 -1.83 -6.61
N THR A 15 1.95 -2.58 -5.55
CA THR A 15 1.18 -3.79 -5.65
C THR A 15 -0.30 -3.44 -5.54
N GLY A 16 -1.11 -3.95 -6.46
CA GLY A 16 -2.53 -3.69 -6.44
C GLY A 16 -2.96 -2.30 -6.89
N GLY A 17 -2.42 -1.83 -8.00
CA GLY A 17 -2.78 -0.50 -8.47
C GLY A 17 -3.82 -0.42 -9.58
N SER A 18 -4.61 -1.47 -9.78
CA SER A 18 -5.62 -1.45 -10.84
C SER A 18 -6.88 -0.67 -10.48
N ARG A 19 -7.02 -0.31 -9.21
CA ARG A 19 -8.19 0.45 -8.76
C ARG A 19 -8.07 1.05 -7.36
N GLY A 20 -9.01 1.94 -7.05
CA GLY A 20 -9.06 2.59 -5.74
C GLY A 20 -7.81 3.29 -5.25
N ILE A 21 -7.39 2.91 -4.04
CA ILE A 21 -6.20 3.47 -3.41
C ILE A 21 -4.94 3.24 -4.25
N GLY A 22 -4.67 1.98 -4.59
CA GLY A 22 -3.49 1.65 -5.38
C GLY A 22 -3.46 2.42 -6.69
N TYR A 23 -4.63 2.58 -7.28
CA TYR A 23 -4.79 3.31 -8.53
C TYR A 23 -4.32 4.73 -8.29
N GLY A 24 -4.79 5.32 -7.19
CA GLY A 24 -4.43 6.68 -6.83
C GLY A 24 -2.94 6.82 -6.59
N ILE A 25 -2.35 5.81 -5.95
CA ILE A 25 -0.92 5.78 -5.66
C ILE A 25 -0.07 5.70 -6.93
N VAL A 26 -0.55 4.93 -7.93
CA VAL A 26 0.18 4.79 -9.20
C VAL A 26 0.17 6.11 -9.98
N GLU A 27 -0.98 6.78 -9.98
CA GLU A 27 -1.10 8.06 -10.67
C GLU A 27 -0.27 9.12 -9.98
N GLU A 28 -0.35 9.14 -8.65
CA GLU A 28 0.39 10.10 -7.82
C GLU A 28 1.89 10.04 -8.04
N LEU A 29 2.46 8.85 -7.93
CA LEU A 29 3.88 8.65 -8.11
C LEU A 29 4.30 8.91 -9.54
N ALA A 30 3.44 8.52 -10.49
CA ALA A 30 3.74 8.72 -11.90
C ALA A 30 3.79 10.21 -12.20
N SER A 31 2.76 10.94 -11.76
CA SER A 31 2.66 12.38 -11.99
C SER A 31 3.80 13.20 -11.36
N LEU A 32 4.66 12.55 -10.59
CA LEU A 32 5.80 13.23 -9.97
C LEU A 32 7.10 12.77 -10.62
N GLY A 33 6.95 12.09 -11.77
CA GLY A 33 8.09 11.61 -12.53
C GLY A 33 8.57 10.19 -12.34
N ALA A 34 7.80 9.36 -11.64
CA ALA A 34 8.21 7.99 -11.41
C ALA A 34 7.65 7.02 -12.45
N SER A 35 8.47 6.04 -12.82
CA SER A 35 8.05 5.00 -13.75
C SER A 35 7.55 3.89 -12.82
N VAL A 36 6.23 3.71 -12.79
CA VAL A 36 5.61 2.73 -11.92
C VAL A 36 5.25 1.40 -12.57
N TYR A 37 5.54 0.32 -11.86
CA TYR A 37 5.19 -1.02 -12.32
C TYR A 37 4.16 -1.45 -11.29
N THR A 38 3.00 -1.87 -11.75
CA THR A 38 1.97 -2.33 -10.83
C THR A 38 1.31 -3.57 -11.40
N CYS A 39 0.47 -4.23 -10.61
CA CYS A 39 -0.21 -5.42 -11.07
C CYS A 39 -1.45 -5.76 -10.26
N SER A 40 -2.24 -6.71 -10.76
CA SER A 40 -3.46 -7.18 -10.11
C SER A 40 -3.91 -8.49 -10.76
N ARG A 41 -4.99 -9.07 -10.24
CA ARG A 41 -5.49 -10.33 -10.78
C ARG A 41 -6.30 -10.14 -12.05
N ASN A 42 -7.07 -9.05 -12.09
CA ASN A 42 -7.90 -8.76 -13.24
C ASN A 42 -7.09 -8.33 -14.46
N GLN A 43 -7.13 -9.17 -15.49
CA GLN A 43 -6.43 -8.91 -16.73
C GLN A 43 -7.04 -7.67 -17.38
N LYS A 44 -8.36 -7.70 -17.53
CA LYS A 44 -9.12 -6.63 -18.17
C LYS A 44 -9.01 -5.23 -17.54
N GLU A 45 -9.03 -5.17 -16.21
CA GLU A 45 -8.96 -3.90 -15.49
C GLU A 45 -7.60 -3.20 -15.62
N LEU A 46 -6.52 -3.97 -15.56
CA LEU A 46 -5.19 -3.42 -15.67
C LEU A 46 -4.98 -2.68 -16.99
N ASN A 47 -5.41 -3.29 -18.09
CA ASN A 47 -5.27 -2.70 -19.41
C ASN A 47 -6.11 -1.43 -19.62
N ASP A 48 -7.19 -1.29 -18.86
CA ASP A 48 -8.03 -0.10 -18.94
C ASP A 48 -7.33 0.99 -18.15
N CYS A 49 -6.57 0.57 -17.14
CA CYS A 49 -5.79 1.49 -16.31
C CYS A 49 -4.66 2.05 -17.16
N LEU A 50 -3.90 1.14 -17.80
CA LEU A 50 -2.78 1.54 -18.65
C LEU A 50 -3.27 2.51 -19.70
N THR A 51 -4.51 2.32 -20.13
CA THR A 51 -5.13 3.17 -21.13
C THR A 51 -5.16 4.59 -20.61
N GLN A 52 -5.71 4.77 -19.41
CA GLN A 52 -5.84 6.08 -18.77
C GLN A 52 -4.53 6.68 -18.27
N TRP A 53 -3.65 5.84 -17.71
CA TRP A 53 -2.37 6.28 -17.18
C TRP A 53 -1.48 6.87 -18.25
N ARG A 54 -1.27 6.11 -19.32
CA ARG A 54 -0.44 6.56 -20.43
C ARG A 54 -1.12 7.69 -21.21
N SER A 55 -2.43 7.83 -20.99
CA SER A 55 -3.24 8.87 -21.63
C SER A 55 -2.94 10.21 -20.95
N LYS A 56 -2.73 10.17 -19.64
CA LYS A 56 -2.39 11.36 -18.87
C LYS A 56 -0.90 11.59 -19.00
N GLY A 57 -0.23 10.67 -19.71
CA GLY A 57 1.20 10.74 -19.94
C GLY A 57 2.05 9.89 -19.01
N PHE A 58 1.44 9.34 -17.97
CA PHE A 58 2.15 8.53 -16.97
C PHE A 58 2.97 7.40 -17.57
N LYS A 59 4.20 7.29 -17.07
CA LYS A 59 5.14 6.25 -17.50
C LYS A 59 4.84 5.05 -16.61
N VAL A 60 4.13 4.06 -17.15
CA VAL A 60 3.74 2.88 -16.36
C VAL A 60 4.05 1.55 -17.07
N GLU A 61 3.66 0.45 -16.42
CA GLU A 61 3.84 -0.91 -16.92
C GLU A 61 3.09 -1.83 -15.96
N ALA A 62 2.43 -2.86 -16.48
CA ALA A 62 1.67 -3.77 -15.62
C ALA A 62 1.40 -5.16 -16.20
N SER A 63 1.48 -6.16 -15.33
CA SER A 63 1.23 -7.55 -15.70
C SER A 63 0.22 -8.10 -14.69
N VAL A 64 -0.30 -9.30 -14.94
CA VAL A 64 -1.25 -9.91 -14.00
C VAL A 64 -0.49 -10.65 -12.93
N CYS A 65 -0.99 -10.59 -11.70
CA CYS A 65 -0.34 -11.27 -10.59
C CYS A 65 -1.36 -11.82 -9.61
N ASP A 66 -0.94 -12.85 -8.88
CA ASP A 66 -1.75 -13.48 -7.85
C ASP A 66 -0.81 -13.51 -6.65
N LEU A 67 -0.85 -12.44 -5.85
CA LEU A 67 0.03 -12.31 -4.69
C LEU A 67 -0.19 -13.31 -3.57
N SER A 68 -1.06 -14.28 -3.78
CA SER A 68 -1.31 -15.30 -2.79
C SER A 68 -0.29 -16.41 -3.01
N SER A 69 0.31 -16.41 -4.19
CA SER A 69 1.29 -17.42 -4.58
C SER A 69 2.73 -16.97 -4.39
N ARG A 70 3.51 -17.75 -3.64
CA ARG A 70 4.91 -17.43 -3.41
C ARG A 70 5.68 -17.36 -4.73
N SER A 71 5.40 -18.33 -5.62
CA SER A 71 6.05 -18.38 -6.93
C SER A 71 5.66 -17.17 -7.78
N GLU A 72 4.39 -16.78 -7.69
CA GLU A 72 3.88 -15.62 -8.43
C GLU A 72 4.54 -14.34 -7.96
N ARG A 73 4.84 -14.28 -6.66
CA ARG A 73 5.49 -13.11 -6.08
C ARG A 73 6.95 -13.06 -6.47
N GLN A 74 7.60 -14.22 -6.45
CA GLN A 74 9.01 -14.31 -6.82
C GLN A 74 9.15 -13.94 -8.28
N GLU A 75 8.23 -14.44 -9.10
CA GLU A 75 8.23 -14.16 -10.53
C GLU A 75 8.06 -12.68 -10.79
N LEU A 76 7.20 -12.05 -9.98
CA LEU A 76 6.93 -10.63 -10.09
C LEU A 76 8.18 -9.82 -9.88
N MET A 77 8.90 -10.09 -8.78
CA MET A 77 10.10 -9.32 -8.50
C MET A 77 11.12 -9.44 -9.62
N ASN A 78 11.31 -10.64 -10.14
CA ASN A 78 12.24 -10.89 -11.23
C ASN A 78 11.84 -10.06 -12.44
N THR A 79 10.54 -10.08 -12.74
CA THR A 79 9.98 -9.36 -13.86
C THR A 79 10.18 -7.84 -13.72
N VAL A 80 9.90 -7.32 -12.54
CA VAL A 80 10.05 -5.88 -12.27
C VAL A 80 11.53 -5.52 -12.10
N ALA A 81 12.29 -6.39 -11.46
CA ALA A 81 13.73 -6.17 -11.22
C ALA A 81 14.48 -6.11 -12.53
N ASN A 82 13.85 -6.57 -13.60
CA ASN A 82 14.45 -6.55 -14.90
C ASN A 82 13.97 -5.30 -15.62
N HIS A 83 12.72 -4.94 -15.36
CA HIS A 83 12.10 -3.76 -15.95
C HIS A 83 12.86 -2.48 -15.58
N PHE A 84 13.39 -2.47 -14.36
CA PHE A 84 14.13 -1.32 -13.84
C PHE A 84 15.64 -1.50 -13.87
N HIS A 85 16.09 -2.62 -14.43
CA HIS A 85 17.50 -2.95 -14.56
C HIS A 85 18.22 -3.28 -13.25
N GLY A 86 17.48 -3.74 -12.24
CA GLY A 86 18.08 -4.10 -10.96
C GLY A 86 18.16 -3.00 -9.91
N LYS A 87 17.50 -1.88 -10.17
CA LYS A 87 17.49 -0.74 -9.25
C LYS A 87 16.05 -0.32 -8.95
N LEU A 88 15.61 -0.55 -7.71
CA LEU A 88 14.27 -0.17 -7.30
C LEU A 88 14.30 0.87 -6.16
N ASN A 89 13.80 2.06 -6.44
CA ASN A 89 13.77 3.12 -5.44
C ASN A 89 12.62 2.94 -4.45
N ILE A 90 11.45 2.61 -4.98
CA ILE A 90 10.24 2.48 -4.17
C ILE A 90 9.49 1.14 -4.27
N LEU A 91 8.84 0.78 -3.17
CA LEU A 91 8.02 -0.43 -3.08
C LEU A 91 6.82 -0.07 -2.21
N VAL A 92 5.62 -0.14 -2.79
CA VAL A 92 4.41 0.17 -2.05
C VAL A 92 3.58 -1.08 -1.88
N ASN A 93 3.60 -1.63 -0.68
CA ASN A 93 2.82 -2.82 -0.37
C ASN A 93 1.40 -2.40 -0.10
N ASN A 94 0.62 -2.26 -1.16
CA ASN A 94 -0.77 -1.84 -1.06
C ASN A 94 -1.81 -2.98 -1.10
N ALA A 95 -1.45 -4.10 -1.69
CA ALA A 95 -2.35 -5.26 -1.80
C ALA A 95 -2.91 -5.75 -0.46
N GLY A 96 -4.21 -6.05 -0.46
CA GLY A 96 -4.87 -6.54 0.74
C GLY A 96 -6.32 -6.88 0.49
N ILE A 97 -6.88 -7.73 1.35
CA ILE A 97 -8.29 -8.11 1.23
C ILE A 97 -8.92 -8.15 2.61
N VAL A 98 -10.24 -8.07 2.63
CA VAL A 98 -10.99 -8.12 3.86
C VAL A 98 -12.07 -9.17 3.70
N ILE A 99 -12.30 -9.95 4.75
CA ILE A 99 -13.33 -10.96 4.73
C ILE A 99 -14.19 -10.63 5.94
N TYR A 100 -15.32 -10.01 5.66
CA TYR A 100 -16.24 -9.60 6.70
C TYR A 100 -16.92 -10.73 7.43
N LYS A 101 -16.29 -11.19 8.50
CA LYS A 101 -16.82 -12.26 9.34
C LYS A 101 -16.27 -12.03 10.74
N GLU A 102 -17.05 -12.40 11.75
CA GLU A 102 -16.58 -12.28 13.12
C GLU A 102 -15.40 -13.22 13.24
N ALA A 103 -14.52 -12.95 14.20
CA ALA A 103 -13.34 -13.77 14.39
C ALA A 103 -13.67 -15.24 14.60
N LYS A 104 -14.81 -15.50 15.23
CA LYS A 104 -15.22 -16.87 15.50
C LYS A 104 -15.90 -17.58 14.31
N ASP A 105 -16.07 -16.86 13.21
CA ASP A 105 -16.71 -17.40 11.99
C ASP A 105 -15.74 -17.66 10.86
N TYR A 106 -14.52 -17.16 11.00
CA TYR A 106 -13.49 -17.34 9.98
C TYR A 106 -13.17 -18.82 9.86
N THR A 107 -13.01 -19.29 8.64
CA THR A 107 -12.64 -20.69 8.43
C THR A 107 -11.13 -20.69 8.19
N VAL A 108 -10.55 -21.88 8.14
CA VAL A 108 -9.12 -22.02 7.89
C VAL A 108 -8.79 -21.43 6.54
N GLU A 109 -9.68 -21.67 5.57
CA GLU A 109 -9.50 -21.16 4.21
C GLU A 109 -9.55 -19.65 4.22
N ASP A 110 -10.33 -19.09 5.13
CA ASP A 110 -10.46 -17.64 5.26
C ASP A 110 -9.16 -17.05 5.83
N TYR A 111 -8.78 -17.54 7.00
CA TYR A 111 -7.58 -17.10 7.72
C TYR A 111 -6.33 -17.18 6.84
N SER A 112 -6.09 -18.36 6.29
CA SER A 112 -4.94 -18.61 5.43
C SER A 112 -4.89 -17.66 4.24
N LEU A 113 -6.04 -17.36 3.66
CA LEU A 113 -6.13 -16.47 2.50
C LEU A 113 -5.87 -15.03 2.84
N ILE A 114 -6.45 -14.54 3.92
CA ILE A 114 -6.24 -13.15 4.29
C ILE A 114 -4.80 -12.94 4.79
N MET A 115 -4.28 -13.88 5.57
CA MET A 115 -2.90 -13.78 6.07
C MET A 115 -1.93 -13.73 4.89
N SER A 116 -2.17 -14.59 3.92
CA SER A 116 -1.33 -14.66 2.73
C SER A 116 -1.21 -13.35 1.96
N ILE A 117 -2.32 -12.72 1.62
CA ILE A 117 -2.31 -11.48 0.86
C ILE A 117 -2.02 -10.20 1.66
N ASN A 118 -2.58 -10.11 2.86
CA ASN A 118 -2.37 -8.93 3.70
C ASN A 118 -0.95 -8.76 4.27
N PHE A 119 -0.43 -9.77 4.97
CA PHE A 119 0.92 -9.70 5.55
C PHE A 119 2.05 -10.43 4.80
N GLU A 120 1.94 -11.75 4.71
CA GLU A 120 2.95 -12.58 4.04
C GLU A 120 3.36 -12.08 2.69
N ALA A 121 2.39 -11.68 1.88
CA ALA A 121 2.70 -11.17 0.54
C ALA A 121 3.52 -9.89 0.58
N ALA A 122 3.23 -9.03 1.55
CA ALA A 122 3.95 -7.76 1.72
C ALA A 122 5.36 -8.01 2.23
N TYR A 123 5.44 -8.83 3.28
CA TYR A 123 6.70 -9.22 3.89
C TYR A 123 7.58 -9.83 2.80
N HIS A 124 7.10 -10.89 2.18
CA HIS A 124 7.81 -11.60 1.11
C HIS A 124 8.32 -10.68 -0.01
N LEU A 125 7.47 -9.82 -0.56
CA LEU A 125 7.89 -8.91 -1.63
C LEU A 125 8.85 -7.85 -1.14
N SER A 126 8.91 -7.65 0.18
CA SER A 126 9.82 -6.68 0.76
C SER A 126 11.22 -7.25 0.77
N VAL A 127 11.32 -8.52 1.17
CA VAL A 127 12.59 -9.23 1.21
C VAL A 127 13.16 -9.38 -0.20
N LEU A 128 12.30 -9.78 -1.15
CA LEU A 128 12.70 -9.96 -2.53
C LEU A 128 13.16 -8.65 -3.14
N ALA A 129 12.46 -7.57 -2.79
CA ALA A 129 12.79 -6.27 -3.33
C ALA A 129 14.05 -5.70 -2.73
N HIS A 130 14.37 -6.11 -1.50
CA HIS A 130 15.54 -5.62 -0.77
C HIS A 130 16.82 -5.40 -1.56
N PRO A 131 17.34 -6.43 -2.24
CA PRO A 131 18.58 -6.25 -2.99
C PRO A 131 18.54 -5.07 -3.96
N PHE A 132 17.38 -4.88 -4.59
CA PHE A 132 17.20 -3.83 -5.58
C PHE A 132 16.95 -2.45 -4.98
N LEU A 133 16.41 -2.42 -3.77
CA LEU A 133 16.15 -1.16 -3.09
C LEU A 133 17.48 -0.64 -2.56
N LYS A 134 18.30 -1.57 -2.08
CA LYS A 134 19.63 -1.29 -1.55
C LYS A 134 20.57 -0.95 -2.69
N ALA A 135 20.32 -1.53 -3.87
CA ALA A 135 21.14 -1.26 -5.03
C ALA A 135 20.73 0.07 -5.68
N SER A 136 19.57 0.59 -5.30
CA SER A 136 19.08 1.85 -5.84
C SER A 136 19.75 3.06 -5.19
N GLU A 137 20.45 2.82 -4.09
CA GLU A 137 21.14 3.84 -3.32
C GLU A 137 20.20 4.66 -2.46
N ARG A 138 18.96 4.85 -2.92
CA ARG A 138 17.95 5.59 -2.15
C ARG A 138 16.62 4.84 -2.15
N GLY A 139 16.55 3.79 -1.34
CA GLY A 139 15.35 2.99 -1.28
C GLY A 139 14.32 3.40 -0.26
N ASN A 140 13.06 3.10 -0.56
CA ASN A 140 11.94 3.42 0.31
C ASN A 140 10.87 2.34 0.22
N VAL A 141 10.34 1.94 1.38
CA VAL A 141 9.29 0.95 1.43
C VAL A 141 8.13 1.59 2.18
N VAL A 142 6.98 1.68 1.54
CA VAL A 142 5.81 2.24 2.17
C VAL A 142 4.69 1.18 2.22
N PHE A 143 4.45 0.65 3.41
CA PHE A 143 3.40 -0.35 3.62
C PHE A 143 2.07 0.39 3.77
N ILE A 144 1.01 -0.06 3.09
CA ILE A 144 -0.29 0.59 3.24
C ILE A 144 -1.06 -0.21 4.30
N SER A 145 -1.14 0.37 5.51
CA SER A 145 -1.80 -0.23 6.66
C SER A 145 -3.27 0.18 6.73
N SER A 146 -3.77 0.50 7.92
CA SER A 146 -5.16 0.89 8.08
C SER A 146 -5.43 1.26 9.52
N VAL A 147 -6.45 2.09 9.75
CA VAL A 147 -6.82 2.47 11.13
C VAL A 147 -7.28 1.21 11.86
N SER A 148 -7.68 0.21 11.07
CA SER A 148 -8.15 -1.07 11.58
C SER A 148 -7.03 -1.91 12.16
N GLY A 149 -5.79 -1.54 11.84
CA GLY A 149 -4.63 -2.24 12.37
C GLY A 149 -4.32 -1.93 13.82
N ALA A 150 -4.84 -0.80 14.32
CA ALA A 150 -4.62 -0.35 15.70
C ALA A 150 -5.89 -0.18 16.56
N LEU A 151 -7.03 0.01 15.93
CA LEU A 151 -8.30 0.18 16.65
C LEU A 151 -9.39 -0.72 16.07
N ALA A 152 -10.21 -1.30 16.96
CA ALA A 152 -11.29 -2.20 16.59
C ALA A 152 -12.39 -1.69 15.65
N VAL A 153 -12.56 -2.39 14.53
CA VAL A 153 -13.58 -2.07 13.51
C VAL A 153 -14.36 -3.36 13.28
N PRO A 154 -15.69 -3.29 13.20
CA PRO A 154 -16.58 -4.44 12.97
C PRO A 154 -16.24 -5.34 11.80
N TYR A 155 -16.24 -6.65 12.07
CA TYR A 155 -15.92 -7.68 11.07
C TYR A 155 -14.51 -7.52 10.50
N GLU A 156 -13.64 -6.92 11.29
CA GLU A 156 -12.26 -6.72 10.86
C GLU A 156 -11.25 -7.08 11.92
N ALA A 157 -11.56 -8.14 12.66
CA ALA A 157 -10.70 -8.65 13.72
C ALA A 157 -9.47 -9.28 13.11
N VAL A 158 -9.67 -10.09 12.08
CA VAL A 158 -8.58 -10.77 11.40
C VAL A 158 -7.90 -9.86 10.38
N TYR A 159 -8.67 -8.96 9.78
CA TYR A 159 -8.08 -8.01 8.84
C TYR A 159 -7.18 -7.08 9.65
N GLY A 160 -7.59 -6.77 10.88
CA GLY A 160 -6.80 -5.90 11.74
C GLY A 160 -5.51 -6.56 12.20
N ALA A 161 -5.59 -7.85 12.50
CA ALA A 161 -4.44 -8.63 12.96
C ALA A 161 -3.32 -8.57 11.91
N THR A 162 -3.70 -8.77 10.64
CA THR A 162 -2.71 -8.73 9.56
C THR A 162 -2.05 -7.36 9.43
N LYS A 163 -2.80 -6.31 9.75
CA LYS A 163 -2.29 -4.95 9.66
C LYS A 163 -1.46 -4.59 10.89
N GLY A 164 -1.76 -5.22 12.01
CA GLY A 164 -1.02 -4.98 13.24
C GLY A 164 0.36 -5.62 13.14
N ALA A 165 0.43 -6.77 12.49
CA ALA A 165 1.69 -7.47 12.27
C ALA A 165 2.52 -6.66 11.27
N MET A 166 1.86 -6.12 10.26
CA MET A 166 2.48 -5.29 9.22
C MET A 166 3.11 -4.03 9.83
N ASP A 167 2.41 -3.39 10.76
CA ASP A 167 2.91 -2.17 11.41
C ASP A 167 4.18 -2.47 12.17
N GLN A 168 4.17 -3.55 12.93
CA GLN A 168 5.33 -3.94 13.72
C GLN A 168 6.51 -4.32 12.81
N LEU A 169 6.22 -5.01 11.71
CA LEU A 169 7.27 -5.38 10.76
C LEU A 169 7.90 -4.11 10.18
N THR A 170 7.07 -3.09 9.95
CA THR A 170 7.49 -1.79 9.42
C THR A 170 8.51 -1.11 10.34
N ARG A 171 8.20 -1.06 11.63
CA ARG A 171 9.07 -0.45 12.62
C ARG A 171 10.42 -1.15 12.61
N CYS A 172 10.38 -2.47 12.75
CA CYS A 172 11.58 -3.29 12.76
C CYS A 172 12.44 -3.15 11.50
N LEU A 173 11.83 -3.15 10.31
CA LEU A 173 12.60 -3.01 9.08
C LEU A 173 13.24 -1.64 8.94
N ALA A 174 12.68 -0.65 9.64
CA ALA A 174 13.24 0.70 9.60
C ALA A 174 14.63 0.66 10.24
N PHE A 175 14.77 -0.21 11.24
CA PHE A 175 16.04 -0.38 11.93
C PHE A 175 16.96 -1.36 11.21
N GLU A 176 16.43 -2.54 10.87
CA GLU A 176 17.21 -3.55 10.18
C GLU A 176 17.79 -3.11 8.84
N TRP A 177 17.02 -2.35 8.07
CA TRP A 177 17.47 -1.91 6.74
C TRP A 177 18.03 -0.50 6.67
N ALA A 178 18.31 0.08 7.83
CA ALA A 178 18.86 1.43 7.90
C ALA A 178 20.21 1.53 7.19
N LYS A 179 21.06 0.54 7.42
CA LYS A 179 22.40 0.45 6.84
C LYS A 179 22.41 0.36 5.32
N ASP A 180 21.25 0.06 4.74
CA ASP A 180 21.12 -0.06 3.30
C ASP A 180 20.49 1.19 2.71
N ASN A 181 20.42 2.24 3.55
CA ASN A 181 19.84 3.53 3.19
C ASN A 181 18.39 3.38 2.72
N ILE A 182 17.67 2.48 3.37
CA ILE A 182 16.27 2.25 3.06
C ILE A 182 15.45 2.81 4.22
N ARG A 183 14.47 3.65 3.90
CA ARG A 183 13.57 4.20 4.91
C ARG A 183 12.25 3.41 4.75
N VAL A 184 11.77 2.86 5.86
CA VAL A 184 10.55 2.06 5.87
C VAL A 184 9.45 2.69 6.71
N ASN A 185 8.34 3.07 6.07
CA ASN A 185 7.21 3.68 6.75
C ASN A 185 5.87 3.02 6.39
N GLY A 186 4.86 3.34 7.19
CA GLY A 186 3.53 2.81 6.97
C GLY A 186 2.52 3.94 6.88
N VAL A 187 1.56 3.79 5.98
CA VAL A 187 0.50 4.77 5.78
C VAL A 187 -0.83 4.07 6.03
N GLY A 188 -1.50 4.46 7.11
CA GLY A 188 -2.76 3.85 7.46
C GLY A 188 -3.96 4.68 7.08
N PRO A 189 -4.68 4.28 6.02
CA PRO A 189 -5.86 5.01 5.58
C PRO A 189 -7.04 4.75 6.48
N GLY A 190 -7.97 5.68 6.49
CA GLY A 190 -9.20 5.54 7.24
C GLY A 190 -10.20 5.17 6.16
N VAL A 191 -11.39 5.76 6.17
CA VAL A 191 -12.37 5.48 5.12
C VAL A 191 -12.07 6.30 3.85
N ILE A 192 -11.57 5.62 2.81
CA ILE A 192 -11.26 6.27 1.53
C ILE A 192 -12.33 5.88 0.51
N ALA A 193 -12.90 6.89 -0.16
CA ALA A 193 -13.94 6.71 -1.17
C ALA A 193 -13.36 6.04 -2.41
N THR A 194 -13.57 4.72 -2.50
CA THR A 194 -13.09 3.93 -3.62
C THR A 194 -14.12 3.90 -4.75
N GLN A 202 -24.57 -0.64 1.00
CA GLN A 202 -25.13 -1.85 0.34
C GLN A 202 -25.98 -2.68 1.31
N ASP A 203 -25.32 -3.27 2.30
CA ASP A 203 -25.95 -4.06 3.35
C ASP A 203 -26.37 -3.01 4.38
N PRO A 204 -27.63 -3.05 4.86
CA PRO A 204 -28.10 -2.06 5.85
C PRO A 204 -27.13 -1.83 7.01
N GLU A 205 -26.59 -2.90 7.58
CA GLU A 205 -25.66 -2.78 8.69
C GLU A 205 -24.28 -2.27 8.29
N GLN A 206 -23.79 -2.66 7.11
CA GLN A 206 -22.48 -2.17 6.66
C GLN A 206 -22.56 -0.70 6.23
N LYS A 207 -23.76 -0.26 5.83
CA LYS A 207 -23.95 1.12 5.44
C LYS A 207 -23.79 1.96 6.69
N GLU A 208 -24.45 1.55 7.78
CA GLU A 208 -24.37 2.30 9.02
C GLU A 208 -22.97 2.26 9.61
N ASN A 209 -22.32 1.12 9.52
CA ASN A 209 -20.96 0.97 10.02
C ASN A 209 -20.01 1.90 9.25
N LEU A 210 -20.27 2.07 7.96
CA LEU A 210 -19.48 2.99 7.14
C LEU A 210 -19.84 4.41 7.57
N ASN A 211 -21.09 4.60 7.98
CA ASN A 211 -21.58 5.92 8.40
C ASN A 211 -20.97 6.32 9.72
N LYS A 212 -20.80 5.35 10.63
CA LYS A 212 -20.21 5.59 11.93
C LYS A 212 -18.79 6.11 11.82
N LEU A 213 -18.06 5.62 10.83
CA LEU A 213 -16.67 6.02 10.59
C LEU A 213 -16.54 7.42 10.04
N ILE A 214 -17.41 7.78 9.10
CA ILE A 214 -17.40 9.12 8.51
C ILE A 214 -17.83 10.09 9.62
N ASP A 215 -18.76 9.64 10.44
CA ASP A 215 -19.30 10.41 11.54
C ASP A 215 -18.26 10.66 12.62
N ARG A 216 -17.30 9.75 12.71
CA ARG A 216 -16.24 9.86 13.71
C ARG A 216 -15.00 10.61 13.21
N CYS A 217 -15.05 11.08 11.97
CA CYS A 217 -13.96 11.85 11.38
C CYS A 217 -14.15 13.32 11.77
N ALA A 218 -13.05 14.07 11.83
CA ALA A 218 -13.16 15.48 12.18
C ALA A 218 -13.82 16.17 11.01
N LEU A 219 -13.34 15.78 9.83
CA LEU A 219 -13.83 16.36 8.58
C LEU A 219 -15.20 15.82 8.16
N ARG A 220 -15.67 14.79 8.86
CA ARG A 220 -16.96 14.17 8.58
C ARG A 220 -17.18 13.85 7.11
N ARG A 221 -16.23 13.14 6.52
CA ARG A 221 -16.28 12.75 5.11
C ARG A 221 -15.21 11.72 4.81
N MET A 222 -15.41 10.97 3.73
CA MET A 222 -14.44 9.97 3.32
C MET A 222 -13.32 10.67 2.57
N GLY A 223 -12.16 10.02 2.51
CA GLY A 223 -11.06 10.62 1.78
C GLY A 223 -11.13 10.18 0.33
N GLU A 224 -10.26 10.74 -0.49
CA GLU A 224 -10.20 10.38 -1.90
C GLU A 224 -8.86 9.67 -2.12
N PRO A 225 -8.79 8.73 -3.07
CA PRO A 225 -7.56 7.98 -3.36
C PRO A 225 -6.28 8.83 -3.52
N LYS A 226 -6.42 10.04 -4.03
CA LYS A 226 -5.28 10.95 -4.21
C LYS A 226 -4.86 11.61 -2.89
N GLU A 227 -5.77 11.61 -1.92
CA GLU A 227 -5.49 12.18 -0.60
C GLU A 227 -4.62 11.26 0.22
N LEU A 228 -4.80 9.95 0.02
CA LEU A 228 -3.95 8.99 0.73
C LEU A 228 -2.63 8.91 -0.02
N ALA A 229 -2.71 8.93 -1.34
CA ALA A 229 -1.54 8.86 -2.20
C ALA A 229 -0.55 10.01 -2.00
N ALA A 230 -1.08 11.19 -1.67
CA ALA A 230 -0.23 12.35 -1.45
C ALA A 230 0.81 12.07 -0.35
N MET A 231 0.40 11.34 0.69
CA MET A 231 1.28 10.97 1.80
C MET A 231 2.32 9.90 1.42
N VAL A 232 1.94 8.96 0.55
CA VAL A 232 2.85 7.91 0.09
C VAL A 232 3.97 8.53 -0.73
N ALA A 233 3.59 9.34 -1.70
CA ALA A 233 4.53 10.02 -2.58
C ALA A 233 5.53 10.82 -1.74
N PHE A 234 5.00 11.63 -0.83
CA PHE A 234 5.82 12.47 0.05
C PHE A 234 6.90 11.68 0.77
N LEU A 235 6.50 10.59 1.40
CA LEU A 235 7.44 9.73 2.13
C LEU A 235 8.57 9.26 1.23
N CYS A 236 8.35 9.34 -0.09
CA CYS A 236 9.35 8.92 -1.06
C CYS A 236 10.22 10.08 -1.55
N PHE A 237 9.74 11.31 -1.33
CA PHE A 237 10.51 12.50 -1.73
C PHE A 237 11.81 12.51 -0.95
N PRO A 238 12.89 13.04 -1.57
CA PRO A 238 14.19 13.11 -0.91
C PRO A 238 14.06 14.03 0.33
N ALA A 239 13.01 14.85 0.31
CA ALA A 239 12.70 15.78 1.40
C ALA A 239 12.40 15.09 2.73
N ALA A 240 11.80 13.91 2.65
CA ALA A 240 11.44 13.14 3.84
C ALA A 240 12.56 12.25 4.37
N SER A 241 13.79 12.63 4.04
CA SER A 241 14.99 11.90 4.44
C SER A 241 15.13 11.43 5.89
N TYR A 242 14.53 12.16 6.84
CA TYR A 242 14.62 11.80 8.26
C TYR A 242 13.39 11.06 8.79
N VAL A 243 12.43 10.78 7.92
CA VAL A 243 11.22 10.08 8.36
C VAL A 243 11.33 8.60 8.07
N THR A 244 11.22 7.79 9.13
CA THR A 244 11.31 6.35 9.01
C THR A 244 10.75 5.69 10.27
N GLY A 245 10.25 4.47 10.12
CA GLY A 245 9.68 3.74 11.24
C GLY A 245 8.37 4.30 11.78
N GLN A 246 7.67 5.06 10.95
CA GLN A 246 6.41 5.66 11.37
C GLN A 246 5.20 5.05 10.68
N ILE A 247 4.06 5.11 11.36
CA ILE A 247 2.79 4.67 10.82
C ILE A 247 1.97 5.96 10.89
N ILE A 248 1.78 6.57 9.73
CA ILE A 248 1.06 7.84 9.63
C ILE A 248 -0.33 7.63 9.03
N TYR A 249 -1.34 8.14 9.73
CA TYR A 249 -2.71 7.99 9.31
C TYR A 249 -3.28 9.15 8.53
N VAL A 250 -3.86 8.81 7.37
CA VAL A 250 -4.50 9.78 6.48
C VAL A 250 -5.96 9.40 6.64
N ASP A 251 -6.61 9.99 7.64
CA ASP A 251 -7.96 9.62 7.97
C ASP A 251 -8.97 10.71 8.36
N GLY A 252 -8.69 11.96 8.01
CA GLY A 252 -9.62 13.01 8.38
C GLY A 252 -9.84 13.15 9.88
N GLY A 253 -8.85 12.68 10.66
CA GLY A 253 -8.92 12.76 12.11
C GLY A 253 -9.54 11.60 12.87
N LEU A 254 -9.93 10.54 12.17
CA LEU A 254 -10.57 9.38 12.80
C LEU A 254 -9.78 8.83 13.96
N MET A 255 -8.52 8.47 13.72
CA MET A 255 -7.65 7.90 14.74
C MET A 255 -7.59 8.67 16.06
N ALA A 256 -7.64 10.01 15.98
CA ALA A 256 -7.55 10.86 17.17
C ALA A 256 -8.85 11.10 17.94
N ASN A 257 -9.95 10.52 17.46
CA ASN A 257 -11.25 10.73 18.06
C ASN A 257 -11.59 9.79 19.22
N CYS A 258 -12.63 10.15 19.96
CA CYS A 258 -13.14 9.35 21.06
C CYS A 258 -14.63 9.63 21.21
N GLY A 259 -14.97 10.89 21.50
CA GLY A 259 -16.35 11.28 21.72
C GLY A 259 -17.04 12.16 20.70
N PHE A 260 -16.31 12.63 19.69
CA PHE A 260 -16.93 13.48 18.66
C PHE A 260 -17.76 12.70 17.65
#